data_4MTN
#
_entry.id   4MTN
#
_cell.length_a   162.026
_cell.length_b   54.065
_cell.length_c   62.859
_cell.angle_alpha   90.000
_cell.angle_beta   110.690
_cell.angle_gamma   90.000
#
_symmetry.space_group_name_H-M   'C 1 2 1'
#
loop_
_entity.id
_entity.type
_entity.pdbx_description
1 polymer 'Transcription termination factor NusA'
2 non-polymer 'SULFATE ION'
3 water water
#
_entity_poly.entity_id   1
_entity_poly.type   'polypeptide(L)'
_entity_poly.pdbx_seq_one_letter_code
;SNANGNEVLRIVDSIHRDKSIDKEIVFEGVEQAILSAARKHFGEEEVIEVHIDRTSGQP(MSE)VKTNGREIDRDELGDI
LGRISAQTAKQV(MSE)IQKIREAERDTLFDEYAQLRGQIVSGTVTRNEGSAITVNIGKAEAILPRSE(MSE)IPGESHR
PNERIRAVVLEVKK(MSE)GPRVRVVLSRAHPDFVRRLLELEIPEVNERIIEIRSLAREAGYRTKVAVSCADSNIDPVGA
CVGVRGARIRNVGEELGGERIEVVRWNDSLQVLVPNA(MSE)QPSEVEDVILCP(MSE)LGRVLVLVRDDQLSLAIGKRG
QNVRLASKLVGWDIDV(MSE)TREELDQQLDQAVVAYSQIPGVSEELAEGLVSQGFLSFEDLSVIEPDEL(MSE)E
(MSE)GSLTQEQADVIVEYAERESERIEKEQDLRRATEKAERQSQER
;
_entity_poly.pdbx_strand_id   A
#
loop_
_chem_comp.id
_chem_comp.type
_chem_comp.name
_chem_comp.formula
SO4 non-polymer 'SULFATE ION' 'O4 S -2'
#
# COMPACT_ATOMS: atom_id res chain seq x y z
N GLY A 5 6.63 49.96 2.85
CA GLY A 5 7.84 49.46 2.24
C GLY A 5 8.62 48.52 3.15
N ASN A 6 9.34 49.11 4.10
CA ASN A 6 10.13 48.33 5.05
C ASN A 6 9.27 47.85 6.22
N GLU A 7 8.01 48.30 6.24
CA GLU A 7 7.06 47.87 7.25
C GLU A 7 6.79 46.38 7.10
N VAL A 8 6.90 45.88 5.88
CA VAL A 8 6.72 44.46 5.59
C VAL A 8 7.90 43.66 6.11
N LEU A 9 9.10 44.22 6.00
CA LEU A 9 10.31 43.56 6.46
C LEU A 9 10.30 43.34 7.96
N ARG A 10 9.64 44.25 8.69
CA ARG A 10 9.51 44.13 10.14
C ARG A 10 8.65 42.93 10.51
N ILE A 11 7.64 42.66 9.67
CA ILE A 11 6.71 41.58 9.92
C ILE A 11 7.29 40.21 9.59
N VAL A 12 7.93 40.10 8.42
CA VAL A 12 8.46 38.83 7.96
C VAL A 12 9.59 38.33 8.85
N ASP A 13 10.30 39.27 9.49
CA ASP A 13 11.36 38.91 10.42
C ASP A 13 10.78 38.54 11.78
N SER A 14 9.69 39.21 12.16
CA SER A 14 9.05 38.95 13.44
C SER A 14 8.43 37.56 13.49
N ILE A 15 7.78 37.16 12.40
CA ILE A 15 7.16 35.85 12.30
C ILE A 15 8.23 34.77 12.20
N HIS A 16 9.26 35.03 11.39
CA HIS A 16 10.36 34.08 11.20
C HIS A 16 11.09 33.81 12.52
N ARG A 17 11.18 34.84 13.36
CA ARG A 17 11.84 34.70 14.65
C ARG A 17 10.93 34.02 15.68
N ASP A 18 9.63 34.26 15.54
CA ASP A 18 8.64 33.71 16.46
C ASP A 18 8.21 32.30 16.08
N LYS A 19 7.56 32.18 14.93
CA LYS A 19 7.01 30.90 14.47
C LYS A 19 8.09 29.94 13.96
N SER A 20 9.31 30.44 13.85
CA SER A 20 10.46 29.64 13.42
C SER A 20 10.27 28.98 12.05
N ILE A 21 9.88 29.79 11.07
CA ILE A 21 9.77 29.33 9.69
C ILE A 21 10.50 30.30 8.76
N ASP A 22 11.05 29.78 7.67
CA ASP A 22 11.92 30.58 6.81
C ASP A 22 11.17 31.72 6.13
N LYS A 23 11.90 32.76 5.75
CA LYS A 23 11.32 33.98 5.20
C LYS A 23 10.52 33.76 3.92
N GLU A 24 11.04 32.89 3.05
CA GLU A 24 10.43 32.68 1.74
C GLU A 24 8.98 32.19 1.85
N ILE A 25 8.71 31.38 2.87
CA ILE A 25 7.35 30.92 3.13
C ILE A 25 6.51 32.08 3.67
N VAL A 26 7.12 32.88 4.54
CA VAL A 26 6.43 34.03 5.13
C VAL A 26 6.08 35.08 4.07
N PHE A 27 7.02 35.35 3.17
CA PHE A 27 6.78 36.29 2.08
C PHE A 27 5.59 35.87 1.24
N GLU A 28 5.54 34.59 0.91
CA GLU A 28 4.41 34.03 0.14
C GLU A 28 3.11 34.19 0.91
N GLY A 29 3.16 34.02 2.23
CA GLY A 29 1.99 34.16 3.07
C GLY A 29 1.48 35.59 3.11
N VAL A 30 2.41 36.54 3.28
CA VAL A 30 2.06 37.95 3.31
C VAL A 30 1.49 38.40 1.97
N GLU A 31 2.05 37.88 0.88
CA GLU A 31 1.57 38.19 -0.46
C GLU A 31 0.11 37.75 -0.61
N GLN A 32 -0.20 36.54 -0.15
CA GLN A 32 -1.55 36.01 -0.25
C GLN A 32 -2.52 36.79 0.64
N ALA A 33 -1.99 37.39 1.71
CA ALA A 33 -2.80 38.23 2.59
C ALA A 33 -3.13 39.56 1.91
N ILE A 34 -2.13 40.12 1.24
CA ILE A 34 -2.31 41.35 0.47
C ILE A 34 -3.25 41.09 -0.70
N LEU A 35 -3.06 39.94 -1.34
CA LEU A 35 -3.88 39.56 -2.49
C LEU A 35 -5.35 39.43 -2.12
N SER A 36 -5.62 38.79 -0.98
CA SER A 36 -6.98 38.62 -0.50
C SER A 36 -7.59 39.98 -0.15
N ALA A 37 -6.76 40.87 0.39
CA ALA A 37 -7.21 42.22 0.73
C ALA A 37 -7.49 43.02 -0.54
N ALA A 38 -6.74 42.72 -1.60
CA ALA A 38 -6.92 43.38 -2.88
C ALA A 38 -8.16 42.84 -3.60
N ARG A 39 -8.41 41.54 -3.43
CA ARG A 39 -9.58 40.90 -4.04
C ARG A 39 -10.88 41.49 -3.49
N LYS A 40 -10.91 41.72 -2.18
CA LYS A 40 -12.11 42.22 -1.53
C LYS A 40 -12.39 43.67 -1.93
N HIS A 41 -11.33 44.45 -2.05
CA HIS A 41 -11.47 45.87 -2.42
C HIS A 41 -11.85 46.06 -3.88
N PHE A 42 -11.07 45.46 -4.78
CA PHE A 42 -11.26 45.66 -6.21
C PHE A 42 -12.35 44.78 -6.81
N GLY A 43 -12.67 43.69 -6.13
CA GLY A 43 -13.68 42.76 -6.62
C GLY A 43 -13.04 41.59 -7.36
N GLU A 44 -13.88 40.68 -7.84
CA GLU A 44 -13.39 39.48 -8.52
C GLU A 44 -13.27 39.69 -10.03
N GLU A 45 -13.74 40.84 -10.50
CA GLU A 45 -13.73 41.14 -11.94
C GLU A 45 -12.31 41.22 -12.51
N GLU A 46 -11.48 42.07 -11.94
CA GLU A 46 -10.13 42.30 -12.45
C GLU A 46 -9.15 41.23 -11.97
N VAL A 47 -8.23 40.85 -12.87
CA VAL A 47 -7.17 39.91 -12.52
C VAL A 47 -6.14 40.60 -11.63
N ILE A 48 -5.88 40.02 -10.46
CA ILE A 48 -4.97 40.63 -9.50
C ILE A 48 -3.76 39.75 -9.21
N GLU A 49 -2.59 40.38 -9.20
CA GLU A 49 -1.35 39.69 -8.84
C GLU A 49 -0.52 40.55 -7.91
N VAL A 50 0.17 39.92 -6.98
CA VAL A 50 0.96 40.66 -5.98
C VAL A 50 2.36 40.06 -5.83
N HIS A 51 3.35 40.94 -5.76
CA HIS A 51 4.72 40.51 -5.54
C HIS A 51 5.43 41.43 -4.55
N ILE A 52 6.15 40.83 -3.61
CA ILE A 52 6.94 41.60 -2.65
C ILE A 52 8.42 41.41 -2.93
N ASP A 53 9.12 42.51 -3.19
CA ASP A 53 10.56 42.47 -3.39
C ASP A 53 11.23 41.95 -2.12
N ARG A 54 12.06 40.92 -2.26
CA ARG A 54 12.66 40.26 -1.11
C ARG A 54 13.64 41.17 -0.37
N THR A 55 14.47 41.90 -1.11
CA THR A 55 15.46 42.77 -0.50
C THR A 55 14.84 44.01 0.15
N SER A 56 14.08 44.78 -0.64
CA SER A 56 13.51 46.03 -0.17
C SER A 56 12.25 45.85 0.68
N GLY A 57 11.36 44.96 0.23
CA GLY A 57 10.14 44.69 0.96
C GLY A 57 8.91 45.42 0.44
N GLN A 58 9.09 46.18 -0.63
CA GLN A 58 7.99 46.96 -1.21
C GLN A 58 7.05 46.10 -2.04
N PRO A 59 5.77 46.05 -1.64
CA PRO A 59 4.73 45.27 -2.32
C PRO A 59 4.40 45.79 -3.72
N MSE A 60 4.31 44.88 -4.69
CA MSE A 60 3.94 45.23 -6.05
C MSE A 60 2.57 44.64 -6.36
O MSE A 60 2.44 43.42 -6.51
CB MSE A 60 4.99 44.73 -7.04
CG MSE A 60 4.83 45.25 -8.46
SE MSE A 60 5.64 47.00 -8.71
CE MSE A 60 5.58 47.08 -10.66
N VAL A 61 1.56 45.50 -6.49
CA VAL A 61 0.20 45.03 -6.71
C VAL A 61 -0.35 45.49 -8.05
N LYS A 62 -0.67 44.53 -8.92
CA LYS A 62 -1.19 44.85 -10.24
C LYS A 62 -2.62 44.36 -10.44
N THR A 63 -3.44 45.19 -11.09
CA THR A 63 -4.79 44.81 -11.47
C THR A 63 -4.92 44.84 -12.98
N ASN A 64 -5.14 43.65 -13.56
CA ASN A 64 -5.18 43.48 -15.02
C ASN A 64 -3.89 43.97 -15.70
N GLY A 65 -2.77 43.75 -15.02
CA GLY A 65 -1.47 44.14 -15.55
C GLY A 65 -1.14 45.60 -15.27
N ARG A 66 -2.06 46.32 -14.65
CA ARG A 66 -1.88 47.73 -14.36
C ARG A 66 -1.62 47.97 -12.87
N GLU A 67 -0.72 48.90 -12.57
CA GLU A 67 -0.41 49.27 -11.20
C GLU A 67 -1.60 49.96 -10.52
N ILE A 68 -1.60 49.95 -9.19
CA ILE A 68 -2.65 50.61 -8.43
C ILE A 68 -2.11 51.85 -7.73
N ASP A 69 -2.98 52.82 -7.49
CA ASP A 69 -2.59 54.08 -6.86
C ASP A 69 -1.96 53.87 -5.49
N ARG A 70 -1.01 54.73 -5.14
CA ARG A 70 -0.35 54.68 -3.84
C ARG A 70 -1.36 54.88 -2.71
N ASP A 71 -2.38 55.67 -2.99
CA ASP A 71 -3.47 55.93 -2.04
C ASP A 71 -4.15 54.63 -1.61
N GLU A 72 -4.80 53.97 -2.56
CA GLU A 72 -5.54 52.75 -2.27
C GLU A 72 -4.62 51.61 -1.84
N LEU A 73 -3.37 51.65 -2.30
CA LEU A 73 -2.38 50.66 -1.90
C LEU A 73 -2.03 50.82 -0.43
N GLY A 74 -2.02 52.07 0.03
CA GLY A 74 -1.76 52.37 1.43
C GLY A 74 -2.86 51.84 2.33
N ASP A 75 -4.10 51.91 1.85
CA ASP A 75 -5.25 51.40 2.59
C ASP A 75 -5.18 49.88 2.74
N ILE A 76 -4.72 49.21 1.69
CA ILE A 76 -4.59 47.76 1.70
C ILE A 76 -3.51 47.30 2.68
N LEU A 77 -2.34 47.94 2.63
CA LEU A 77 -1.23 47.57 3.48
C LEU A 77 -1.52 47.84 4.96
N GLY A 78 -2.35 48.84 5.22
CA GLY A 78 -2.70 49.20 6.58
C GLY A 78 -3.87 48.39 7.09
N ARG A 79 -4.55 47.69 6.19
CA ARG A 79 -5.71 46.87 6.54
C ARG A 79 -5.27 45.44 6.84
N ILE A 80 -3.98 45.19 6.70
CA ILE A 80 -3.42 43.87 6.92
C ILE A 80 -2.45 43.87 8.10
N SER A 81 -1.38 44.65 7.96
CA SER A 81 -0.34 44.77 8.98
C SER A 81 -0.90 45.14 10.35
N ALA A 82 -1.99 45.90 10.36
CA ALA A 82 -2.65 46.26 11.60
C ALA A 82 -3.34 45.06 12.22
N GLN A 83 -3.34 44.97 13.55
CA GLN A 83 -3.90 43.82 14.24
C GLN A 83 -5.42 43.78 14.14
N THR A 84 -5.94 42.65 13.65
CA THR A 84 -7.37 42.46 13.51
C THR A 84 -7.72 40.98 13.45
N LYS A 86 -4.54 40.19 11.54
CA LYS A 86 -3.45 39.77 12.42
C LYS A 86 -3.23 38.26 12.34
N GLN A 87 -4.15 37.49 12.89
CA GLN A 87 -4.07 36.04 12.87
C GLN A 87 -4.53 35.50 11.52
N VAL A 88 -5.22 36.33 10.76
CA VAL A 88 -5.69 35.97 9.43
C VAL A 88 -4.52 35.83 8.47
N MSE A 89 -3.52 36.70 8.65
CA MSE A 89 -2.31 36.66 7.85
C MSE A 89 -1.50 35.40 8.14
O MSE A 89 -0.94 34.78 7.24
CB MSE A 89 -1.46 37.91 8.11
CG MSE A 89 -0.11 37.90 7.41
SE MSE A 89 0.94 39.49 7.82
CE MSE A 89 0.94 39.36 9.77
N ILE A 90 -1.46 35.02 9.42
CA ILE A 90 -0.75 33.81 9.84
C ILE A 90 -1.42 32.57 9.25
N GLN A 91 -2.74 32.64 9.08
CA GLN A 91 -3.48 31.56 8.45
C GLN A 91 -3.06 31.39 7.00
N LYS A 92 -2.69 32.49 6.36
CA LYS A 92 -2.18 32.46 5.00
C LYS A 92 -0.74 31.95 4.98
N ILE A 93 0.03 32.32 6.00
CA ILE A 93 1.42 31.89 6.11
C ILE A 93 1.49 30.38 6.40
N ARG A 94 0.66 29.92 7.31
CA ARG A 94 0.57 28.49 7.63
C ARG A 94 0.06 27.71 6.42
N GLU A 95 -0.79 28.35 5.64
CA GLU A 95 -1.32 27.74 4.43
C GLU A 95 -0.21 27.61 3.39
N ALA A 96 0.69 28.58 3.36
CA ALA A 96 1.83 28.55 2.47
C ALA A 96 2.82 27.47 2.91
N GLU A 97 3.03 27.37 4.22
CA GLU A 97 3.91 26.35 4.79
C GLU A 97 3.40 24.95 4.48
N ARG A 98 2.09 24.77 4.60
CA ARG A 98 1.47 23.48 4.31
C ARG A 98 1.61 23.11 2.83
N ASP A 99 1.46 24.11 1.96
CA ASP A 99 1.61 23.90 0.53
C ASP A 99 3.06 23.51 0.18
N THR A 100 4.02 24.11 0.87
CA THR A 100 5.43 23.83 0.63
C THR A 100 5.81 22.44 1.11
N LEU A 101 5.41 22.12 2.34
CA LEU A 101 5.72 20.82 2.94
C LEU A 101 5.04 19.68 2.18
N PHE A 102 3.89 19.97 1.58
CA PHE A 102 3.20 18.99 0.76
C PHE A 102 4.02 18.67 -0.49
N ASP A 103 4.55 19.69 -1.12
CA ASP A 103 5.32 19.53 -2.36
C ASP A 103 6.56 18.65 -2.15
N GLU A 104 7.21 18.82 -1.00
CA GLU A 104 8.42 18.08 -0.69
C GLU A 104 8.14 16.62 -0.34
N TYR A 105 7.18 16.41 0.55
CA TYR A 105 6.91 15.09 1.11
C TYR A 105 6.09 14.18 0.19
N ALA A 106 5.28 14.76 -0.68
CA ALA A 106 4.46 13.97 -1.60
C ALA A 106 5.32 13.22 -2.62
N GLN A 107 6.53 13.72 -2.85
CA GLN A 107 7.45 13.07 -3.77
C GLN A 107 8.24 11.97 -3.05
N LEU A 108 8.11 11.94 -1.73
CA LEU A 108 8.86 11.01 -0.90
C LEU A 108 8.10 9.71 -0.59
N ARG A 109 6.94 9.53 -1.20
CA ARG A 109 6.14 8.33 -0.96
C ARG A 109 6.92 7.06 -1.27
N GLY A 110 6.96 6.15 -0.29
CA GLY A 110 7.69 4.91 -0.43
C GLY A 110 9.13 5.01 0.04
N GLN A 111 9.52 6.20 0.48
CA GLN A 111 10.90 6.44 0.90
C GLN A 111 11.04 6.57 2.41
N ILE A 112 12.17 6.10 2.93
CA ILE A 112 12.44 6.14 4.35
C ILE A 112 12.64 7.57 4.86
N VAL A 113 11.94 7.91 5.93
CA VAL A 113 12.11 9.19 6.60
C VAL A 113 12.33 8.92 8.08
N SER A 114 13.20 9.72 8.71
CA SER A 114 13.51 9.52 10.12
C SER A 114 13.03 10.69 10.97
N GLY A 115 12.80 10.42 12.25
CA GLY A 115 12.35 11.44 13.19
C GLY A 115 12.36 10.97 14.62
N THR A 116 11.77 11.76 15.50
CA THR A 116 11.69 11.41 16.92
C THR A 116 10.23 11.31 17.38
N VAL A 117 9.96 10.31 18.21
CA VAL A 117 8.61 10.11 18.74
C VAL A 117 8.28 11.20 19.76
N THR A 118 7.12 11.83 19.58
CA THR A 118 6.67 12.89 20.49
C THR A 118 5.57 12.38 21.41
N ARG A 119 4.40 12.11 20.84
CA ARG A 119 3.28 11.57 21.60
C ARG A 119 2.94 10.17 21.14
N ASN A 120 2.69 9.28 22.10
CA ASN A 120 2.31 7.92 21.77
C ASN A 120 1.02 7.50 22.47
N GLU A 121 -0.05 7.33 21.70
CA GLU A 121 -1.26 6.71 22.21
C GLU A 121 -1.41 5.32 21.60
N GLY A 122 -2.48 4.63 21.96
CA GLY A 122 -2.72 3.30 21.43
C GLY A 122 -3.05 3.34 19.94
N SER A 123 -3.83 4.36 19.56
CA SER A 123 -4.31 4.48 18.18
C SER A 123 -3.24 4.91 17.19
N ALA A 124 -2.38 5.84 17.58
CA ALA A 124 -1.38 6.37 16.67
C ALA A 124 -0.13 6.90 17.37
N ILE A 125 0.94 7.04 16.61
CA ILE A 125 2.19 7.59 17.10
C ILE A 125 2.57 8.84 16.33
N THR A 126 2.88 9.91 17.04
CA THR A 126 3.27 11.17 16.40
C THR A 126 4.80 11.29 16.35
N VAL A 127 5.32 11.42 15.13
CA VAL A 127 6.77 11.48 14.92
C VAL A 127 7.20 12.83 14.38
N ASN A 128 8.19 13.44 15.01
CA ASN A 128 8.70 14.73 14.55
C ASN A 128 9.91 14.56 13.63
N ILE A 129 9.72 14.88 12.36
CA ILE A 129 10.80 14.80 11.38
C ILE A 129 11.46 16.18 11.22
N GLY A 130 11.01 17.11 12.05
CA GLY A 130 11.65 18.41 12.22
C GLY A 130 11.14 19.52 11.32
N LYS A 131 10.61 19.15 10.16
CA LYS A 131 9.88 20.12 9.34
C LYS A 131 8.42 20.19 9.79
N ALA A 132 7.85 19.02 10.07
CA ALA A 132 6.45 18.91 10.46
C ALA A 132 6.21 17.63 11.23
N GLU A 133 5.08 17.56 11.92
CA GLU A 133 4.72 16.36 12.68
C GLU A 133 4.01 15.34 11.79
N ALA A 134 4.50 14.10 11.83
CA ALA A 134 3.90 13.02 11.07
C ALA A 134 3.27 12.01 12.01
N ILE A 135 2.23 11.32 11.54
CA ILE A 135 1.56 10.34 12.37
C ILE A 135 1.70 8.92 11.83
N LEU A 136 1.89 7.98 12.74
CA LEU A 136 1.93 6.56 12.40
C LEU A 136 0.72 5.85 13.02
N PRO A 137 -0.28 5.49 12.19
CA PRO A 137 -1.50 4.83 12.66
C PRO A 137 -1.28 3.37 13.03
N ARG A 138 -2.22 2.79 13.77
CA ARG A 138 -2.14 1.38 14.18
C ARG A 138 -1.93 0.43 13.02
N SER A 139 -2.72 0.61 11.96
CA SER A 139 -2.70 -0.29 10.81
C SER A 139 -1.33 -0.35 10.14
N GLU A 140 -0.57 0.73 10.24
CA GLU A 140 0.74 0.81 9.60
C GLU A 140 1.89 0.46 10.54
N MSE A 141 1.55 0.01 11.74
CA MSE A 141 2.55 -0.32 12.76
C MSE A 141 2.93 -1.79 12.75
O MSE A 141 2.11 -2.66 12.47
CB MSE A 141 2.05 0.06 14.16
CG MSE A 141 2.08 1.54 14.46
SE MSE A 141 1.41 1.91 16.25
CE MSE A 141 2.69 0.82 17.27
N ILE A 142 4.20 -2.06 13.06
CA ILE A 142 4.65 -3.43 13.30
C ILE A 142 4.23 -3.85 14.71
N PRO A 143 3.42 -4.91 14.81
CA PRO A 143 2.80 -5.37 16.05
C PRO A 143 3.77 -5.57 17.22
N GLY A 144 3.39 -5.09 18.39
CA GLY A 144 4.15 -5.32 19.61
C GLY A 144 5.38 -4.46 19.80
N GLU A 145 5.66 -3.57 18.85
CA GLU A 145 6.84 -2.74 18.92
C GLU A 145 6.70 -1.62 19.96
N SER A 146 7.82 -1.24 20.57
CA SER A 146 7.83 -0.20 21.58
C SER A 146 8.47 1.08 21.04
N HIS A 147 7.69 2.16 21.06
CA HIS A 147 8.21 3.46 20.65
C HIS A 147 7.84 4.52 21.68
N ARG A 148 8.86 5.11 22.30
CA ARG A 148 8.67 6.01 23.42
C ARG A 148 9.10 7.42 23.04
N PRO A 149 8.53 8.44 23.72
CA PRO A 149 8.87 9.84 23.45
C PRO A 149 10.37 10.12 23.45
N ASN A 150 10.80 11.01 22.57
CA ASN A 150 12.21 11.37 22.40
C ASN A 150 13.10 10.18 22.05
N GLU A 151 12.65 9.36 21.10
CA GLU A 151 13.43 8.24 20.62
C GLU A 151 13.49 8.23 19.10
N ARG A 152 14.64 7.84 18.56
CA ARG A 152 14.83 7.78 17.12
C ARG A 152 13.98 6.68 16.49
N ILE A 153 13.33 7.01 15.39
CA ILE A 153 12.50 6.06 14.66
C ILE A 153 12.50 6.42 13.18
N ARG A 154 12.38 5.42 12.32
CA ARG A 154 12.28 5.68 10.89
C ARG A 154 11.25 4.77 10.22
N ALA A 155 10.65 5.29 9.14
CA ALA A 155 9.63 4.56 8.40
C ALA A 155 9.49 5.16 7.00
N VAL A 156 8.59 4.59 6.20
CA VAL A 156 8.35 5.09 4.85
C VAL A 156 7.09 5.93 4.82
N VAL A 157 7.08 6.94 3.96
CA VAL A 157 5.91 7.80 3.85
C VAL A 157 4.84 7.08 3.04
N LEU A 158 3.70 6.83 3.67
CA LEU A 158 2.63 6.08 3.02
C LEU A 158 1.81 6.97 2.07
N GLU A 159 1.41 8.13 2.56
CA GLU A 159 0.67 9.08 1.75
C GLU A 159 0.79 10.49 2.30
N VAL A 160 0.55 11.48 1.44
CA VAL A 160 0.61 12.88 1.86
C VAL A 160 -0.63 13.62 1.38
N LYS A 161 -1.40 14.14 2.33
CA LYS A 161 -2.61 14.89 2.00
C LYS A 161 -2.63 16.24 2.72
N LYS A 162 -3.22 17.23 2.06
CA LYS A 162 -3.40 18.54 2.67
C LYS A 162 -4.89 18.82 2.91
N MSE A 163 -5.29 18.86 4.17
CA MSE A 163 -6.69 19.08 4.53
C MSE A 163 -6.91 20.37 5.34
O MSE A 163 -7.47 21.34 4.82
CB MSE A 163 -7.24 17.87 5.29
CG MSE A 163 -6.17 16.90 5.75
SE MSE A 163 -6.75 15.04 5.62
CE MSE A 163 -7.43 15.10 3.80
N GLY A 164 -6.47 20.40 6.59
CA GLY A 164 -6.59 21.59 7.39
C GLY A 164 -5.50 22.57 7.03
N PRO A 165 -5.37 23.67 7.81
CA PRO A 165 -4.18 24.42 7.37
C PRO A 165 -2.91 23.89 8.03
N ARG A 166 -2.74 22.57 7.94
CA ARG A 166 -1.54 21.87 8.36
C ARG A 166 -1.41 20.62 7.48
N VAL A 167 -0.18 20.23 7.17
CA VAL A 167 0.03 19.11 6.26
C VAL A 167 0.02 17.78 7.00
N ARG A 168 -0.69 16.80 6.45
CA ARG A 168 -0.78 15.48 7.05
C ARG A 168 0.17 14.49 6.37
N VAL A 169 1.14 14.01 7.13
CA VAL A 169 2.08 13.01 6.63
C VAL A 169 1.91 11.68 7.35
N VAL A 170 1.43 10.68 6.62
CA VAL A 170 1.19 9.36 7.19
C VAL A 170 2.36 8.41 6.91
N LEU A 171 2.91 7.81 7.95
CA LEU A 171 4.02 6.88 7.76
C LEU A 171 3.57 5.43 7.85
N SER A 172 4.47 4.51 7.53
CA SER A 172 4.25 3.08 7.75
C SER A 172 5.55 2.34 8.02
N ARG A 173 5.57 1.50 9.06
CA ARG A 173 6.64 0.52 9.17
C ARG A 173 6.17 -0.85 8.70
N ALA A 174 4.87 -0.96 8.39
CA ALA A 174 4.27 -2.23 7.99
C ALA A 174 4.20 -2.42 6.49
N HIS A 175 4.51 -1.37 5.73
CA HIS A 175 4.41 -1.42 4.28
C HIS A 175 5.57 -2.20 3.69
N PRO A 176 5.30 -2.97 2.62
CA PRO A 176 6.35 -3.71 1.90
C PRO A 176 7.52 -2.81 1.49
N ASP A 177 7.22 -1.57 1.11
CA ASP A 177 8.25 -0.63 0.67
C ASP A 177 9.30 -0.39 1.75
N PHE A 178 8.93 -0.55 3.01
CA PHE A 178 9.88 -0.37 4.11
C PHE A 178 11.00 -1.41 4.04
N VAL A 179 10.62 -2.65 3.77
CA VAL A 179 11.60 -3.73 3.62
C VAL A 179 12.47 -3.50 2.40
N ARG A 180 11.84 -3.08 1.31
CA ARG A 180 12.54 -2.83 0.05
C ARG A 180 13.62 -1.77 0.23
N ARG A 181 13.31 -0.70 0.97
CA ARG A 181 14.26 0.36 1.23
C ARG A 181 15.42 -0.12 2.10
N LEU A 182 15.08 -0.82 3.17
CA LEU A 182 16.09 -1.30 4.11
C LEU A 182 17.06 -2.28 3.45
N LEU A 183 16.56 -3.09 2.53
CA LEU A 183 17.41 -4.01 1.79
C LEU A 183 18.37 -3.25 0.88
N GLU A 184 17.87 -2.15 0.29
CA GLU A 184 18.69 -1.32 -0.57
C GLU A 184 19.83 -0.68 0.20
N LEU A 185 19.57 -0.35 1.47
CA LEU A 185 20.58 0.27 2.32
C LEU A 185 21.63 -0.75 2.79
N GLU A 186 21.17 -1.92 3.20
CA GLU A 186 22.04 -2.90 3.82
C GLU A 186 22.87 -3.69 2.79
N ILE A 187 22.27 -3.99 1.65
CA ILE A 187 22.95 -4.78 0.62
C ILE A 187 23.52 -3.90 -0.48
N PRO A 188 24.85 -3.78 -0.54
CA PRO A 188 25.54 -2.94 -1.52
C PRO A 188 25.24 -3.34 -2.96
N GLU A 189 25.04 -4.63 -3.22
CA GLU A 189 24.72 -5.09 -4.57
C GLU A 189 23.39 -4.51 -5.06
N VAL A 190 22.46 -4.25 -4.14
CA VAL A 190 21.16 -3.74 -4.50
C VAL A 190 21.19 -2.23 -4.77
N ASN A 191 21.91 -1.47 -3.94
CA ASN A 191 21.99 -0.03 -4.13
C ASN A 191 22.95 0.35 -5.25
N GLU A 192 23.81 -0.59 -5.64
CA GLU A 192 24.70 -0.40 -6.79
C GLU A 192 24.02 -0.89 -8.06
N ARG A 193 22.76 -1.30 -7.91
CA ARG A 193 21.87 -1.67 -9.03
C ARG A 193 22.22 -3.00 -9.68
N ILE A 194 23.29 -3.65 -9.22
CA ILE A 194 23.68 -4.96 -9.73
C ILE A 194 22.56 -5.98 -9.55
N ILE A 195 21.99 -6.02 -8.36
CA ILE A 195 20.85 -6.90 -8.07
C ILE A 195 19.57 -6.08 -7.96
N GLU A 196 18.50 -6.56 -8.59
CA GLU A 196 17.22 -5.86 -8.56
C GLU A 196 16.16 -6.64 -7.79
N ILE A 197 15.31 -5.92 -7.07
CA ILE A 197 14.19 -6.54 -6.36
C ILE A 197 12.96 -6.51 -7.23
N ARG A 198 12.55 -7.67 -7.72
CA ARG A 198 11.43 -7.77 -8.65
C ARG A 198 10.06 -7.79 -7.97
N SER A 199 9.95 -8.55 -6.88
CA SER A 199 8.66 -8.74 -6.22
C SER A 199 8.82 -8.90 -4.71
N LEU A 200 7.81 -8.44 -3.98
CA LEU A 200 7.87 -8.48 -2.52
C LEU A 200 6.50 -8.82 -1.91
N ALA A 201 6.52 -9.70 -0.91
CA ALA A 201 5.30 -10.09 -0.20
C ALA A 201 5.57 -10.08 1.30
N ARG A 202 4.80 -9.29 2.05
CA ARG A 202 5.10 -9.08 3.46
C ARG A 202 3.92 -9.28 4.40
N GLU A 203 4.18 -9.98 5.50
CA GLU A 203 3.33 -9.90 6.69
C GLU A 203 4.16 -9.25 7.80
N ALA A 204 3.81 -8.01 8.14
CA ALA A 204 4.65 -7.16 8.97
C ALA A 204 4.93 -7.75 10.35
N GLY A 205 6.21 -7.83 10.70
CA GLY A 205 6.64 -8.33 11.99
C GLY A 205 6.76 -9.84 12.03
N TYR A 206 6.47 -10.50 10.90
CA TYR A 206 6.49 -11.96 10.86
C TYR A 206 7.36 -12.52 9.74
N ARG A 207 6.93 -12.36 8.49
CA ARG A 207 7.66 -12.96 7.38
C ARG A 207 7.54 -12.15 6.09
N THR A 208 8.64 -12.11 5.33
CA THR A 208 8.68 -11.42 4.04
C THR A 208 9.41 -12.25 2.98
N LYS A 209 8.74 -12.50 1.87
CA LYS A 209 9.36 -13.20 0.74
C LYS A 209 9.88 -12.21 -0.30
N VAL A 210 11.15 -12.33 -0.66
CA VAL A 210 11.79 -11.43 -1.60
C VAL A 210 12.28 -12.14 -2.85
N ALA A 211 11.78 -11.70 -4.01
CA ALA A 211 12.22 -12.25 -5.28
C ALA A 211 13.17 -11.29 -5.99
N VAL A 212 14.39 -11.76 -6.25
CA VAL A 212 15.43 -10.92 -6.84
C VAL A 212 15.95 -11.47 -8.16
N SER A 213 16.58 -10.62 -8.95
CA SER A 213 17.13 -11.02 -10.24
C SER A 213 18.35 -10.18 -10.60
N CYS A 214 19.12 -10.68 -11.57
CA CYS A 214 20.31 -9.95 -12.05
C CYS A 214 20.37 -9.97 -13.57
N ALA A 215 20.85 -8.87 -14.15
CA ALA A 215 20.98 -8.74 -15.60
C ALA A 215 21.97 -9.77 -16.14
N ASP A 216 23.06 -9.97 -15.40
CA ASP A 216 24.05 -10.97 -15.77
C ASP A 216 23.49 -12.36 -15.46
N SER A 217 23.48 -13.23 -16.47
CA SER A 217 22.93 -14.57 -16.33
C SER A 217 23.87 -15.49 -15.55
N ASN A 218 25.16 -15.16 -15.55
CA ASN A 218 26.15 -15.96 -14.87
C ASN A 218 26.27 -15.60 -13.39
N ILE A 219 25.50 -14.61 -12.97
CA ILE A 219 25.51 -14.17 -11.58
C ILE A 219 24.28 -14.69 -10.84
N ASP A 220 24.51 -15.28 -9.66
CA ASP A 220 23.43 -15.77 -8.82
C ASP A 220 22.92 -14.65 -7.93
N PRO A 221 21.69 -14.17 -8.20
CA PRO A 221 21.12 -13.01 -7.51
C PRO A 221 20.85 -13.26 -6.03
N VAL A 222 20.41 -14.46 -5.69
CA VAL A 222 20.14 -14.80 -4.30
C VAL A 222 21.44 -14.84 -3.50
N GLY A 223 22.44 -15.55 -4.03
CA GLY A 223 23.73 -15.67 -3.38
C GLY A 223 24.41 -14.34 -3.15
N ALA A 224 24.14 -13.38 -4.03
CA ALA A 224 24.69 -12.04 -3.90
C ALA A 224 24.08 -11.32 -2.70
N CYS A 225 22.79 -11.54 -2.48
CA CYS A 225 22.10 -10.95 -1.34
C CYS A 225 22.50 -11.62 -0.03
N VAL A 226 22.68 -12.95 -0.09
CA VAL A 226 23.07 -13.72 1.09
C VAL A 226 24.49 -13.34 1.54
N GLY A 227 25.39 -13.15 0.59
CA GLY A 227 26.77 -12.80 0.92
C GLY A 227 27.48 -13.95 1.60
N VAL A 228 28.09 -13.69 2.75
CA VAL A 228 28.84 -14.70 3.46
C VAL A 228 27.94 -15.52 4.39
N ARG A 229 27.55 -14.93 5.51
CA ARG A 229 26.73 -15.62 6.51
C ARG A 229 25.24 -15.30 6.43
N GLY A 230 24.86 -14.40 5.53
CA GLY A 230 23.49 -13.92 5.46
C GLY A 230 23.20 -12.90 6.55
N ALA A 231 24.27 -12.26 7.05
CA ALA A 231 24.17 -11.33 8.16
C ALA A 231 23.42 -10.05 7.81
N ARG A 232 23.63 -9.55 6.60
CA ARG A 232 23.01 -8.29 6.17
C ARG A 232 21.50 -8.42 6.07
N ILE A 233 21.04 -9.59 5.62
CA ILE A 233 19.62 -9.86 5.52
C ILE A 233 18.98 -9.91 6.91
N ARG A 234 19.69 -10.53 7.85
CA ARG A 234 19.20 -10.61 9.23
C ARG A 234 19.22 -9.25 9.91
N ASN A 235 20.16 -8.39 9.52
CA ASN A 235 20.22 -7.04 10.05
C ASN A 235 18.94 -6.26 9.75
N VAL A 236 18.44 -6.43 8.54
CA VAL A 236 17.17 -5.82 8.15
C VAL A 236 16.04 -6.42 8.97
N GLY A 237 16.10 -7.73 9.19
CA GLY A 237 15.09 -8.43 9.96
C GLY A 237 15.04 -8.01 11.41
N GLU A 238 16.19 -7.70 11.99
CA GLU A 238 16.25 -7.28 13.38
C GLU A 238 15.74 -5.85 13.54
N GLU A 239 15.88 -5.05 12.48
CA GLU A 239 15.34 -3.69 12.46
C GLU A 239 13.82 -3.74 12.40
N LEU A 240 13.30 -4.86 11.91
CA LEU A 240 11.85 -5.05 11.81
C LEU A 240 11.30 -5.80 13.02
N GLY A 241 12.17 -6.08 13.99
CA GLY A 241 11.75 -6.72 15.22
C GLY A 241 11.77 -8.25 15.18
N GLY A 242 12.62 -8.81 14.33
CA GLY A 242 12.75 -10.25 14.24
C GLY A 242 11.92 -10.85 13.12
N GLU A 243 11.53 -10.01 12.17
CA GLU A 243 10.76 -10.47 11.01
C GLU A 243 11.61 -11.37 10.12
N ARG A 244 11.06 -12.52 9.75
CA ARG A 244 11.78 -13.48 8.91
C ARG A 244 11.81 -13.05 7.45
N ILE A 245 12.99 -13.09 6.85
CA ILE A 245 13.16 -12.65 5.47
C ILE A 245 13.69 -13.78 4.57
N GLU A 246 12.90 -14.17 3.59
CA GLU A 246 13.29 -15.19 2.64
C GLU A 246 13.59 -14.57 1.27
N VAL A 247 14.83 -14.71 0.81
CA VAL A 247 15.20 -14.21 -0.51
C VAL A 247 15.26 -15.35 -1.51
N VAL A 248 14.43 -15.26 -2.55
CA VAL A 248 14.40 -16.28 -3.59
C VAL A 248 14.72 -15.69 -4.96
N ARG A 249 14.78 -16.54 -5.97
CA ARG A 249 15.15 -16.11 -7.31
C ARG A 249 13.92 -15.80 -8.16
N TRP A 250 13.91 -14.63 -8.77
CA TRP A 250 12.82 -14.24 -9.66
C TRP A 250 12.98 -14.90 -11.03
N ASN A 251 11.86 -15.29 -11.63
CA ASN A 251 11.85 -15.82 -12.98
C ASN A 251 10.55 -15.44 -13.70
N ASP A 252 10.65 -15.25 -15.01
CA ASP A 252 9.50 -14.86 -15.81
C ASP A 252 8.54 -16.03 -16.03
N SER A 253 9.05 -17.25 -15.84
CA SER A 253 8.25 -18.45 -15.97
C SER A 253 7.68 -18.88 -14.62
N LEU A 254 6.39 -19.23 -14.61
CA LEU A 254 5.74 -19.65 -13.38
C LEU A 254 6.12 -21.09 -13.01
N GLN A 255 6.68 -21.81 -13.98
CA GLN A 255 7.15 -23.17 -13.73
C GLN A 255 8.42 -23.13 -12.87
N VAL A 256 9.03 -21.96 -12.81
CA VAL A 256 10.24 -21.74 -12.02
C VAL A 256 9.92 -20.91 -10.78
N LEU A 257 9.41 -19.70 -11.00
CA LEU A 257 9.09 -18.77 -9.94
C LEU A 257 8.21 -19.34 -8.83
N VAL A 258 7.16 -20.07 -9.20
CA VAL A 258 6.22 -20.59 -8.20
C VAL A 258 6.85 -21.64 -7.28
N PRO A 259 7.57 -22.64 -7.84
CA PRO A 259 8.26 -23.54 -6.90
C PRO A 259 9.28 -22.82 -6.01
N ASN A 260 9.91 -21.78 -6.55
CA ASN A 260 10.85 -20.98 -5.77
C ASN A 260 10.17 -20.25 -4.62
N ALA A 261 8.96 -19.76 -4.87
CA ALA A 261 8.20 -19.03 -3.86
C ALA A 261 7.56 -19.98 -2.85
N MSE A 262 7.42 -21.25 -3.23
CA MSE A 262 6.80 -22.25 -2.38
C MSE A 262 7.81 -22.88 -1.42
O MSE A 262 7.44 -23.76 -0.63
CB MSE A 262 6.14 -23.33 -3.23
CG MSE A 262 4.83 -22.90 -3.88
SE MSE A 262 3.49 -22.36 -2.59
CE MSE A 262 3.33 -24.03 -1.60
N GLN A 263 9.06 -22.45 -1.49
CA GLN A 263 10.10 -22.93 -0.57
C GLN A 263 9.71 -22.60 0.87
N PRO A 264 10.17 -23.41 1.84
CA PRO A 264 11.06 -24.58 1.75
C PRO A 264 10.44 -25.81 1.09
N SER A 265 9.11 -25.86 0.98
CA SER A 265 8.43 -27.05 0.46
C SER A 265 8.82 -27.35 -0.98
N GLU A 266 8.79 -28.63 -1.33
CA GLU A 266 9.10 -29.07 -2.69
C GLU A 266 7.82 -29.29 -3.49
N VAL A 267 7.86 -28.93 -4.77
CA VAL A 267 6.68 -28.98 -5.62
C VAL A 267 6.82 -30.00 -6.75
N GLU A 268 5.81 -30.83 -6.93
CA GLU A 268 5.80 -31.81 -8.00
C GLU A 268 5.35 -31.19 -9.32
N ASP A 269 4.08 -30.78 -9.39
CA ASP A 269 3.54 -30.19 -10.61
C ASP A 269 3.02 -28.78 -10.38
N VAL A 270 3.14 -27.95 -11.41
CA VAL A 270 2.59 -26.60 -11.40
C VAL A 270 1.58 -26.45 -12.53
N ILE A 271 0.31 -26.27 -12.16
CA ILE A 271 -0.77 -26.19 -13.14
C ILE A 271 -1.38 -24.79 -13.19
N LEU A 272 -1.46 -24.23 -14.38
CA LEU A 272 -2.00 -22.88 -14.56
C LEU A 272 -3.47 -22.91 -14.95
N CYS A 273 -4.29 -22.18 -14.19
CA CYS A 273 -5.71 -22.05 -14.49
C CYS A 273 -6.08 -20.59 -14.71
N PRO A 274 -5.84 -20.09 -15.93
CA PRO A 274 -6.02 -18.68 -16.29
C PRO A 274 -7.42 -18.13 -16.03
N MSE A 275 -8.44 -18.96 -16.21
CA MSE A 275 -9.83 -18.52 -16.06
C MSE A 275 -10.17 -18.18 -14.61
O MSE A 275 -10.94 -17.26 -14.35
CB MSE A 275 -10.78 -19.59 -16.58
CG MSE A 275 -10.78 -19.72 -18.09
SE MSE A 275 -12.18 -20.91 -18.74
CE MSE A 275 -13.72 -20.05 -17.91
N LEU A 276 -9.59 -18.92 -13.67
CA LEU A 276 -9.79 -18.63 -12.25
C LEU A 276 -8.67 -17.76 -11.70
N GLY A 277 -7.69 -17.44 -12.54
CA GLY A 277 -6.52 -16.69 -12.11
C GLY A 277 -5.80 -17.44 -11.01
N ARG A 278 -5.74 -18.76 -11.16
CA ARG A 278 -5.26 -19.63 -10.09
C ARG A 278 -4.15 -20.57 -10.57
N VAL A 279 -3.09 -20.69 -9.79
CA VAL A 279 -2.06 -21.68 -10.05
C VAL A 279 -2.28 -22.89 -9.15
N LEU A 280 -2.44 -24.06 -9.76
CA LEU A 280 -2.66 -25.29 -9.01
C LEU A 280 -1.35 -26.01 -8.74
N VAL A 281 -0.96 -26.07 -7.46
CA VAL A 281 0.31 -26.66 -7.08
C VAL A 281 0.11 -28.04 -6.43
N LEU A 282 0.72 -29.06 -7.04
CA LEU A 282 0.62 -30.41 -6.52
C LEU A 282 1.78 -30.74 -5.59
N VAL A 283 1.45 -31.19 -4.38
CA VAL A 283 2.43 -31.42 -3.33
C VAL A 283 2.17 -32.74 -2.59
N ARG A 284 3.22 -33.52 -2.37
CA ARG A 284 3.11 -34.79 -1.70
C ARG A 284 2.69 -34.62 -0.23
N ASP A 285 2.16 -35.68 0.36
CA ASP A 285 1.55 -35.62 1.69
C ASP A 285 2.46 -35.06 2.78
N ASP A 286 3.71 -35.52 2.82
CA ASP A 286 4.63 -35.09 3.87
C ASP A 286 5.03 -33.62 3.72
N GLN A 287 4.91 -33.09 2.51
CA GLN A 287 5.26 -31.71 2.24
C GLN A 287 4.04 -30.79 2.29
N LEU A 288 2.87 -31.37 2.52
CA LEU A 288 1.61 -30.63 2.48
C LEU A 288 1.52 -29.58 3.59
N SER A 289 1.90 -29.96 4.80
CA SER A 289 1.82 -29.05 5.94
C SER A 289 2.82 -27.91 5.82
N LEU A 290 4.00 -28.21 5.31
CA LEU A 290 5.05 -27.21 5.17
C LEU A 290 4.70 -26.23 4.04
N ALA A 291 4.05 -26.73 3.01
CA ALA A 291 3.64 -25.92 1.87
C ALA A 291 2.66 -24.83 2.31
N ILE A 292 1.66 -25.22 3.09
CA ILE A 292 0.64 -24.30 3.57
C ILE A 292 1.20 -23.25 4.53
N GLY A 293 1.91 -23.73 5.55
CA GLY A 293 2.42 -22.85 6.59
C GLY A 293 1.61 -22.99 7.87
N LYS A 294 2.04 -22.31 8.92
CA LYS A 294 1.38 -22.38 10.23
C LYS A 294 -0.09 -22.03 10.14
N ARG A 295 -0.37 -20.76 9.90
CA ARG A 295 -1.74 -20.30 9.71
C ARG A 295 -2.10 -20.25 8.23
N GLY A 296 -1.20 -20.74 7.39
CA GLY A 296 -1.36 -20.65 5.96
C GLY A 296 -0.51 -19.52 5.39
N GLN A 297 0.45 -19.07 6.20
CA GLN A 297 1.31 -17.94 5.86
C GLN A 297 2.12 -18.16 4.59
N ASN A 298 2.67 -19.36 4.42
CA ASN A 298 3.55 -19.68 3.30
C ASN A 298 2.90 -19.44 1.93
N VAL A 299 1.85 -20.19 1.64
CA VAL A 299 1.13 -20.06 0.37
C VAL A 299 0.61 -18.64 0.17
N ARG A 300 0.08 -18.06 1.25
CA ARG A 300 -0.45 -16.70 1.23
C ARG A 300 0.59 -15.70 0.72
N LEU A 301 1.81 -15.80 1.24
CA LEU A 301 2.89 -14.94 0.82
C LEU A 301 3.37 -15.30 -0.60
N ALA A 302 3.36 -16.58 -0.90
CA ALA A 302 3.76 -17.06 -2.22
C ALA A 302 2.79 -16.57 -3.30
N SER A 303 1.54 -16.39 -2.90
CA SER A 303 0.51 -15.89 -3.82
C SER A 303 0.74 -14.42 -4.15
N LYS A 304 1.00 -13.61 -3.13
CA LYS A 304 1.31 -12.20 -3.32
C LYS A 304 2.55 -12.02 -4.18
N LEU A 305 3.57 -12.82 -3.91
CA LEU A 305 4.85 -12.73 -4.61
C LEU A 305 4.70 -13.04 -6.09
N VAL A 306 3.99 -14.11 -6.40
CA VAL A 306 3.78 -14.55 -7.78
C VAL A 306 2.76 -13.66 -8.49
N GLY A 307 1.67 -13.35 -7.79
CA GLY A 307 0.61 -12.54 -8.36
C GLY A 307 -0.56 -13.38 -8.81
N TRP A 308 -0.54 -14.65 -8.43
CA TRP A 308 -1.63 -15.57 -8.74
C TRP A 308 -2.21 -16.16 -7.46
N ASP A 309 -3.23 -16.99 -7.61
CA ASP A 309 -3.83 -17.69 -6.47
C ASP A 309 -3.32 -19.13 -6.44
N ILE A 310 -2.58 -19.47 -5.39
CA ILE A 310 -2.00 -20.80 -5.28
C ILE A 310 -2.88 -21.73 -4.46
N ASP A 311 -3.28 -22.84 -5.07
CA ASP A 311 -4.08 -23.86 -4.39
C ASP A 311 -3.26 -25.13 -4.24
N VAL A 312 -2.91 -25.47 -3.00
CA VAL A 312 -2.05 -26.62 -2.74
C VAL A 312 -2.85 -27.88 -2.41
N MSE A 313 -2.68 -28.89 -3.26
CA MSE A 313 -3.32 -30.18 -3.06
C MSE A 313 -2.34 -31.31 -3.36
O MSE A 313 -1.27 -31.08 -3.92
CB MSE A 313 -4.55 -30.34 -3.96
CG MSE A 313 -5.60 -29.25 -3.78
SE MSE A 313 -7.06 -29.45 -5.08
CE MSE A 313 -7.76 -31.15 -4.45
N THR A 314 -2.70 -32.53 -2.97
CA THR A 314 -1.94 -33.71 -3.39
C THR A 314 -2.51 -34.18 -4.73
N ARG A 315 -1.92 -35.21 -5.31
CA ARG A 315 -2.40 -35.74 -6.58
C ARG A 315 -3.63 -36.62 -6.37
N GLU A 316 -3.62 -37.39 -5.28
CA GLU A 316 -4.70 -38.31 -4.98
C GLU A 316 -6.00 -37.58 -4.65
N GLU A 317 -5.89 -36.51 -3.86
CA GLU A 317 -7.08 -35.75 -3.47
C GLU A 317 -7.53 -34.83 -4.60
N LEU A 318 -6.66 -34.63 -5.59
CA LEU A 318 -7.04 -33.89 -6.79
C LEU A 318 -7.92 -34.78 -7.68
N ASP A 319 -7.49 -36.02 -7.88
CA ASP A 319 -8.24 -36.98 -8.67
C ASP A 319 -9.63 -37.19 -8.08
N GLN A 320 -9.69 -37.20 -6.76
CA GLN A 320 -10.97 -37.30 -6.05
C GLN A 320 -11.78 -36.03 -6.25
N GLN A 321 -11.08 -34.90 -6.37
CA GLN A 321 -11.74 -33.60 -6.54
C GLN A 321 -12.32 -33.48 -7.95
N LEU A 322 -11.64 -34.05 -8.93
CA LEU A 322 -12.09 -33.99 -10.32
C LEU A 322 -13.35 -34.83 -10.52
N ASP A 323 -13.39 -35.99 -9.88
CA ASP A 323 -14.52 -36.90 -10.01
C ASP A 323 -15.80 -36.33 -9.40
N GLN A 324 -15.67 -35.74 -8.22
CA GLN A 324 -16.81 -35.18 -7.50
C GLN A 324 -17.32 -33.90 -8.16
N ALA A 325 -16.41 -33.14 -8.76
CA ALA A 325 -16.77 -31.87 -9.40
C ALA A 325 -17.66 -32.08 -10.62
N VAL A 326 -17.42 -33.17 -11.35
CA VAL A 326 -18.22 -33.49 -12.52
C VAL A 326 -19.64 -33.89 -12.11
N VAL A 327 -19.74 -34.75 -11.10
CA VAL A 327 -21.03 -35.22 -10.60
C VAL A 327 -21.82 -34.05 -9.99
N ALA A 328 -21.11 -33.17 -9.29
CA ALA A 328 -21.73 -32.01 -8.66
C ALA A 328 -22.29 -31.04 -9.69
N TYR A 329 -21.48 -30.75 -10.71
CA TYR A 329 -21.88 -29.81 -11.75
C TYR A 329 -23.02 -30.36 -12.62
N SER A 330 -23.08 -31.68 -12.72
CA SER A 330 -24.10 -32.34 -13.53
C SER A 330 -25.49 -32.22 -12.91
N GLN A 331 -25.53 -31.96 -11.61
CA GLN A 331 -26.79 -31.77 -10.90
C GLN A 331 -27.54 -30.56 -11.42
N ILE A 332 -26.78 -29.53 -11.80
CA ILE A 332 -27.36 -28.31 -12.34
C ILE A 332 -27.98 -28.57 -13.72
N PRO A 333 -29.28 -28.31 -13.85
CA PRO A 333 -29.93 -28.42 -15.16
C PRO A 333 -29.39 -27.38 -16.13
N GLY A 334 -29.06 -27.82 -17.34
CA GLY A 334 -28.44 -26.93 -18.31
C GLY A 334 -26.95 -27.17 -18.41
N VAL A 335 -26.43 -27.96 -17.48
CA VAL A 335 -25.02 -28.35 -17.52
C VAL A 335 -24.90 -29.81 -17.96
N SER A 336 -24.40 -30.00 -19.18
CA SER A 336 -24.20 -31.34 -19.73
C SER A 336 -22.97 -32.00 -19.11
N GLU A 337 -22.91 -33.32 -19.22
CA GLU A 337 -21.75 -34.07 -18.75
C GLU A 337 -20.48 -33.61 -19.47
N GLU A 338 -20.64 -33.23 -20.74
CA GLU A 338 -19.52 -32.73 -21.53
C GLU A 338 -19.07 -31.36 -21.05
N LEU A 339 -20.02 -30.48 -20.77
CA LEU A 339 -19.72 -29.14 -20.28
C LEU A 339 -19.16 -29.20 -18.85
N ALA A 340 -19.70 -30.12 -18.05
CA ALA A 340 -19.24 -30.31 -16.68
C ALA A 340 -17.77 -30.74 -16.67
N GLU A 341 -17.42 -31.66 -17.57
CA GLU A 341 -16.04 -32.12 -17.68
C GLU A 341 -15.13 -31.02 -18.21
N GLY A 342 -15.70 -30.14 -19.04
CA GLY A 342 -14.95 -29.02 -19.58
C GLY A 342 -14.55 -28.03 -18.50
N LEU A 343 -15.47 -27.77 -17.58
CA LEU A 343 -15.23 -26.86 -16.47
C LEU A 343 -14.15 -27.41 -15.54
N VAL A 344 -14.27 -28.69 -15.21
CA VAL A 344 -13.34 -29.36 -14.32
C VAL A 344 -11.94 -29.41 -14.92
N SER A 345 -11.88 -29.64 -16.23
CA SER A 345 -10.61 -29.70 -16.93
C SER A 345 -9.90 -28.35 -16.96
N GLN A 346 -10.67 -27.28 -16.80
CA GLN A 346 -10.14 -25.92 -16.84
C GLN A 346 -9.83 -25.38 -15.44
N GLY A 347 -10.02 -26.22 -14.42
CA GLY A 347 -9.66 -25.85 -13.07
C GLY A 347 -10.81 -25.53 -12.13
N PHE A 348 -12.03 -25.66 -12.62
CA PHE A 348 -13.21 -25.39 -11.79
C PHE A 348 -13.59 -26.65 -11.01
N LEU A 349 -13.58 -26.53 -9.68
CA LEU A 349 -13.84 -27.68 -8.81
C LEU A 349 -15.09 -27.49 -7.98
N SER A 350 -15.06 -26.51 -7.07
CA SER A 350 -16.21 -26.23 -6.21
C SER A 350 -17.25 -25.36 -6.90
N PHE A 351 -18.34 -25.09 -6.22
CA PHE A 351 -19.39 -24.23 -6.76
C PHE A 351 -19.00 -22.76 -6.62
N GLU A 352 -18.07 -22.49 -5.71
CA GLU A 352 -17.52 -21.14 -5.54
C GLU A 352 -16.79 -20.71 -6.80
N ASP A 353 -16.03 -21.65 -7.38
CA ASP A 353 -15.27 -21.37 -8.58
C ASP A 353 -16.18 -21.15 -9.78
N LEU A 354 -17.29 -21.87 -9.80
CA LEU A 354 -18.24 -21.77 -10.90
C LEU A 354 -19.05 -20.47 -10.82
N SER A 355 -19.32 -20.03 -9.60
CA SER A 355 -20.12 -18.82 -9.40
C SER A 355 -19.37 -17.57 -9.81
N VAL A 356 -18.04 -17.62 -9.72
CA VAL A 356 -17.20 -16.48 -10.05
C VAL A 356 -16.71 -16.52 -11.49
N ILE A 357 -17.18 -17.52 -12.25
CA ILE A 357 -16.77 -17.66 -13.65
C ILE A 357 -17.20 -16.44 -14.47
N GLU A 358 -16.44 -16.14 -15.51
CA GLU A 358 -16.80 -15.08 -16.44
C GLU A 358 -17.92 -15.58 -17.34
N PRO A 359 -19.04 -14.86 -17.36
CA PRO A 359 -20.22 -15.22 -18.17
C PRO A 359 -19.87 -15.46 -19.64
N ASP A 360 -19.06 -14.57 -20.21
CA ASP A 360 -18.67 -14.68 -21.62
C ASP A 360 -17.93 -15.97 -21.90
N GLU A 361 -17.04 -16.35 -20.99
CA GLU A 361 -16.25 -17.56 -21.13
C GLU A 361 -17.11 -18.81 -20.96
N LEU A 362 -18.14 -18.71 -20.12
CA LEU A 362 -19.05 -19.82 -19.89
C LEU A 362 -19.97 -20.03 -21.10
N MSE A 363 -20.26 -18.94 -21.80
CA MSE A 363 -21.09 -18.99 -23.00
C MSE A 363 -20.39 -19.69 -24.14
O MSE A 363 -20.99 -20.48 -24.88
CB MSE A 363 -21.51 -17.58 -23.43
CG MSE A 363 -22.46 -16.89 -22.48
SE MSE A 363 -22.82 -15.06 -23.01
CE MSE A 363 -23.75 -15.39 -24.69
N GLU A 364 -19.09 -19.41 -24.29
CA GLU A 364 -18.31 -19.99 -25.38
C GLU A 364 -18.07 -21.47 -25.18
N MSE A 365 -17.76 -21.85 -23.95
CA MSE A 365 -17.42 -23.23 -23.61
C MSE A 365 -18.60 -24.18 -23.80
O MSE A 365 -18.43 -25.31 -24.26
CB MSE A 365 -16.90 -23.32 -22.19
CG MSE A 365 -16.23 -24.64 -21.85
SE MSE A 365 -15.75 -24.78 -19.96
CE MSE A 365 -14.95 -23.02 -19.74
N GLY A 366 -19.79 -23.74 -23.41
CA GLY A 366 -20.97 -24.59 -23.49
C GLY A 366 -21.94 -24.22 -24.59
N SER A 367 -21.55 -23.29 -25.45
CA SER A 367 -22.40 -22.79 -26.52
C SER A 367 -23.73 -22.32 -25.96
N LEU A 368 -23.67 -21.47 -24.94
CA LEU A 368 -24.86 -21.06 -24.21
C LEU A 368 -25.19 -19.57 -24.43
N THR A 369 -26.46 -19.25 -24.33
CA THR A 369 -26.91 -17.86 -24.46
C THR A 369 -26.58 -17.07 -23.20
N GLN A 370 -26.93 -15.79 -23.21
CA GLN A 370 -26.69 -14.93 -22.06
C GLN A 370 -27.54 -15.36 -20.86
N GLU A 371 -28.77 -15.75 -21.14
CA GLU A 371 -29.70 -16.17 -20.10
C GLU A 371 -29.27 -17.49 -19.47
N GLN A 372 -28.89 -18.44 -20.31
CA GLN A 372 -28.46 -19.76 -19.84
C GLN A 372 -27.20 -19.66 -18.97
N ALA A 373 -26.33 -18.73 -19.31
CA ALA A 373 -25.09 -18.53 -18.56
C ALA A 373 -25.36 -17.97 -17.17
N ASP A 374 -26.25 -16.98 -17.10
CA ASP A 374 -26.58 -16.34 -15.84
C ASP A 374 -27.28 -17.30 -14.88
N VAL A 375 -28.17 -18.13 -15.42
CA VAL A 375 -28.90 -19.11 -14.63
C VAL A 375 -27.94 -20.09 -13.94
N ILE A 376 -26.97 -20.59 -14.69
CA ILE A 376 -25.97 -21.50 -14.16
C ILE A 376 -25.19 -20.87 -13.01
N VAL A 377 -24.79 -19.62 -13.20
CA VAL A 377 -24.07 -18.88 -12.18
C VAL A 377 -24.90 -18.76 -10.89
N GLU A 378 -26.21 -18.53 -11.06
CA GLU A 378 -27.11 -18.41 -9.92
C GLU A 378 -27.23 -19.73 -9.16
N TYR A 379 -27.16 -20.85 -9.89
CA TYR A 379 -27.16 -22.16 -9.26
C TYR A 379 -25.92 -22.34 -8.40
N ALA A 380 -24.77 -21.96 -8.95
CA ALA A 380 -23.50 -22.10 -8.24
C ALA A 380 -23.47 -21.21 -7.00
N GLU A 381 -24.07 -20.03 -7.10
CA GLU A 381 -24.14 -19.11 -5.97
C GLU A 381 -24.99 -19.71 -4.85
N ARG A 382 -26.15 -20.24 -5.23
CA ARG A 382 -27.06 -20.87 -4.27
C ARG A 382 -26.43 -22.11 -3.63
N GLU A 383 -25.85 -22.97 -4.46
CA GLU A 383 -25.29 -24.22 -3.98
C GLU A 383 -24.06 -23.99 -3.11
N SER A 384 -23.25 -23.01 -3.46
CA SER A 384 -22.11 -22.63 -2.64
C SER A 384 -22.59 -22.12 -1.29
N GLU A 385 -23.66 -21.33 -1.32
CA GLU A 385 -24.23 -20.76 -0.11
C GLU A 385 -24.85 -21.84 0.78
N ARG A 386 -25.51 -22.82 0.17
CA ARG A 386 -26.13 -23.90 0.91
C ARG A 386 -25.10 -24.83 1.52
N ILE A 387 -24.03 -25.08 0.79
CA ILE A 387 -22.94 -25.93 1.26
C ILE A 387 -22.28 -25.30 2.49
N GLU A 388 -22.08 -23.99 2.45
CA GLU A 388 -21.47 -23.27 3.56
C GLU A 388 -22.32 -23.35 4.83
N LYS A 389 -23.62 -23.12 4.69
CA LYS A 389 -24.51 -23.14 5.84
C LYS A 389 -24.75 -24.58 6.33
N GLU A 390 -24.57 -25.55 5.43
CA GLU A 390 -24.68 -26.95 5.79
C GLU A 390 -23.48 -27.36 6.64
N GLN A 391 -22.33 -26.79 6.34
CA GLN A 391 -21.12 -27.04 7.12
C GLN A 391 -21.22 -26.38 8.49
N ASP A 392 -21.77 -25.17 8.52
CA ASP A 392 -21.99 -24.45 9.77
C ASP A 392 -23.00 -25.20 10.64
N LEU A 393 -23.99 -25.79 9.98
CA LEU A 393 -24.97 -26.64 10.65
C LEU A 393 -24.27 -27.78 11.39
N ARG A 394 -23.57 -28.62 10.62
CA ARG A 394 -22.79 -29.71 11.18
C ARG A 394 -21.79 -29.23 12.24
N ARG A 395 -21.20 -28.06 11.99
CA ARG A 395 -20.24 -27.48 12.94
C ARG A 395 -20.93 -27.11 14.25
N ALA A 396 -22.16 -26.60 14.14
CA ALA A 396 -22.91 -26.19 15.32
C ALA A 396 -23.47 -27.40 16.08
N THR A 397 -23.89 -28.42 15.34
CA THR A 397 -24.44 -29.62 15.96
C THR A 397 -23.34 -30.45 16.63
N GLU A 398 -22.10 -30.27 16.17
CA GLU A 398 -20.96 -30.88 16.84
C GLU A 398 -20.59 -30.08 18.08
N LYS A 399 -20.99 -28.82 18.10
CA LYS A 399 -20.81 -27.98 19.27
C LYS A 399 -21.94 -28.23 20.26
N ALA A 400 -22.99 -28.88 19.78
CA ALA A 400 -24.12 -29.28 20.61
C ALA A 400 -23.74 -30.45 21.51
N GLU A 401 -22.51 -30.95 21.33
CA GLU A 401 -22.01 -32.09 22.09
C GLU A 401 -21.38 -31.62 23.39
N ARG A 402 -21.52 -30.34 23.68
CA ARG A 402 -21.10 -29.77 24.96
C ARG A 402 -21.92 -30.34 26.12
N GLN A 403 -22.94 -31.13 25.79
CA GLN A 403 -23.77 -31.79 26.78
C GLN A 403 -23.08 -33.06 27.29
N SER A 404 -21.88 -33.32 26.78
CA SER A 404 -21.10 -34.48 27.19
C SER A 404 -20.40 -34.21 28.51
N GLN A 405 -20.57 -33.01 29.03
CA GLN A 405 -20.07 -32.65 30.35
C GLN A 405 -20.97 -33.29 31.42
N GLU A 406 -22.22 -32.88 31.44
CA GLU A 406 -23.21 -33.46 32.35
C GLU A 406 -23.67 -34.82 31.86
S SO4 B . 26.79 -10.90 4.98
O1 SO4 B . 25.47 -10.69 4.42
O2 SO4 B . 27.11 -9.83 5.91
O3 SO4 B . 26.82 -12.19 5.68
O4 SO4 B . 27.78 -10.93 3.90
S SO4 C . 26.65 -12.37 12.57
O1 SO4 C . 26.15 -13.62 12.00
O2 SO4 C . 25.54 -11.43 12.75
O3 SO4 C . 27.28 -12.63 13.85
O4 SO4 C . 27.63 -11.79 11.66
#